data_2RIW
#
_entry.id   2RIW
#
_cell.length_a   173.594
_cell.length_b   42.164
_cell.length_c   55.980
_cell.angle_alpha   90.00
_cell.angle_beta   90.00
_cell.angle_gamma   90.00
#
_symmetry.space_group_name_H-M   'P 21 21 2'
#
loop_
_entity.id
_entity.type
_entity.pdbx_description
1 polymer 'Thyroxine-binding globulin'
2 polymer 'Thyroxine-binding globulin'
3 non-polymer "3,5,3',5'-TETRAIODO-L-THYRONINE"
4 water water
#
loop_
_entity_poly.entity_id
_entity_poly.type
_entity_poly.pdbx_seq_one_letter_code
_entity_poly.pdbx_strand_id
1 'polypeptide(L)'
;SLYKMSSINADFAFNLYRRFTVETPDKNIFFSPVSISAALVMLSFGACCSTQTEIVETLGFNLTDTPMVEIQHGFQHLIC
SLNFPKKELELQIGNALFIGKHLKPLAKFLNDVKTLYETEVFSTDFSNISAAKQEINSHVEMQTKGKVVGLIQDLKPNTI
MVLVNYIHFKAQWANPFDPSKTEDSSSFLIDKTTTVQVPMMHQMEQYYHLVDMELNCTVLQMDYSKNALALFVLPKEGQM
ESVEAAMSSKTLKKWNRLLQKGWVDLFVPKFSISATYDLGATLLKMGIQHAYSENADFSGLTEDNGLKLSNAAHKAVLHI
GEKGTEAAGAMFLEAIPR
;
A
2 'polypeptide(L)' SENTFLHPIIQIDRSFMLLILERSTRSILFLGKVVNPTEA B
#
loop_
_chem_comp.id
_chem_comp.type
_chem_comp.name
_chem_comp.formula
T44 non-polymer 3,5,3',5'-TETRAIODO-L-THYRONINE 'C15 H11 I4 N O4'
#
# COMPACT_ATOMS: atom_id res chain seq x y z
N LEU A 2 11.75 -4.78 -13.77
CA LEU A 2 12.23 -6.18 -13.64
C LEU A 2 12.14 -6.58 -12.17
N TYR A 3 13.22 -7.17 -11.65
CA TYR A 3 13.39 -7.26 -10.20
C TYR A 3 14.08 -5.97 -9.76
N LYS A 4 14.53 -5.19 -10.75
CA LYS A 4 15.01 -3.84 -10.53
C LYS A 4 13.88 -2.94 -10.04
N MET A 5 12.73 -3.02 -10.72
CA MET A 5 11.56 -2.26 -10.31
C MET A 5 11.10 -2.63 -8.90
N SER A 6 11.05 -3.93 -8.59
CA SER A 6 10.62 -4.39 -7.27
C SER A 6 11.51 -3.83 -6.18
N SER A 7 12.83 -3.78 -6.43
CA SER A 7 13.78 -3.18 -5.50
C SER A 7 13.51 -1.70 -5.26
N ILE A 8 13.25 -0.97 -6.34
CA ILE A 8 12.94 0.46 -6.25
C ILE A 8 11.61 0.71 -5.54
N ASN A 9 10.56 -0.03 -5.91
CA ASN A 9 9.25 0.15 -5.29
C ASN A 9 9.29 -0.18 -3.81
N ALA A 10 10.05 -1.21 -3.43
CA ALA A 10 10.21 -1.56 -2.01
C ALA A 10 10.89 -0.44 -1.22
N ASP A 11 11.92 0.17 -1.79
CA ASP A 11 12.62 1.24 -1.09
C ASP A 11 11.78 2.50 -0.98
N PHE A 12 10.93 2.74 -1.99
CA PHE A 12 9.95 3.82 -1.91
C PHE A 12 8.99 3.57 -0.72
N ALA A 13 8.50 2.35 -0.62
CA ALA A 13 7.60 1.96 0.48
C ALA A 13 8.25 2.28 1.83
N PHE A 14 9.48 1.83 2.02
CA PHE A 14 10.20 2.05 3.30
C PHE A 14 10.54 3.52 3.61
N ASN A 15 10.92 4.28 2.59
CA ASN A 15 11.14 5.71 2.77
C ASN A 15 9.84 6.45 3.14
N LEU A 16 8.76 6.14 2.44
CA LEU A 16 7.45 6.72 2.75
C LEU A 16 6.96 6.27 4.13
N TYR A 17 7.13 4.99 4.42
CA TYR A 17 6.85 4.45 5.75
C TYR A 17 7.54 5.28 6.84
N ARG A 18 8.82 5.57 6.63
CA ARG A 18 9.61 6.36 7.57
C ARG A 18 9.12 7.81 7.72
N ARG A 19 8.65 8.40 6.62
CA ARG A 19 8.02 9.72 6.66
C ARG A 19 6.80 9.71 7.60
N PHE A 20 5.97 8.67 7.44
CA PHE A 20 4.81 8.45 8.31
C PHE A 20 5.18 8.32 9.78
N THR A 21 6.26 7.60 10.10
CA THR A 21 6.70 7.48 11.50
C THR A 21 7.13 8.81 12.08
N VAL A 22 7.47 9.76 11.20
CA VAL A 22 7.79 11.12 11.63
C VAL A 22 6.49 11.92 11.81
N GLU A 23 5.55 11.80 10.87
CA GLU A 23 4.32 12.58 10.97
C GLU A 23 3.33 12.05 12.02
N THR A 24 3.30 10.72 12.21
CA THR A 24 2.53 10.10 13.31
C THR A 24 3.38 9.08 14.09
N PRO A 25 4.24 9.56 15.01
CA PRO A 25 5.13 8.65 15.76
C PRO A 25 4.42 7.81 16.82
N ASP A 26 4.94 6.60 17.06
CA ASP A 26 4.38 5.63 18.02
C ASP A 26 2.88 5.36 17.82
N LYS A 27 2.46 5.27 16.57
CA LYS A 27 1.06 5.02 16.20
C LYS A 27 0.98 3.98 15.10
N ASN A 28 -0.13 3.24 15.05
CA ASN A 28 -0.41 2.31 13.94
C ASN A 28 -0.12 2.96 12.59
N ILE A 29 0.58 2.23 11.74
CA ILE A 29 0.78 2.62 10.35
C ILE A 29 0.31 1.49 9.46
N PHE A 30 -0.47 1.82 8.44
CA PHE A 30 -0.91 0.81 7.49
C PHE A 30 -1.33 1.43 6.16
N PHE A 31 -0.61 1.06 5.10
CA PHE A 31 -0.85 1.56 3.76
C PHE A 31 -0.48 0.56 2.68
N SER A 32 -0.93 0.84 1.45
CA SER A 32 -0.53 0.07 0.31
C SER A 32 0.45 0.88 -0.53
N PRO A 33 1.74 0.52 -0.49
CA PRO A 33 2.77 1.19 -1.33
C PRO A 33 2.46 1.06 -2.83
N VAL A 34 1.96 -0.09 -3.25
CA VAL A 34 1.67 -0.35 -4.66
C VAL A 34 0.53 0.54 -5.16
N SER A 35 -0.47 0.73 -4.31
CA SER A 35 -1.59 1.65 -4.57
C SER A 35 -1.11 3.11 -4.76
N ILE A 36 -0.31 3.59 -3.81
CA ILE A 36 0.21 4.96 -3.87
C ILE A 36 1.10 5.15 -5.11
N SER A 37 2.02 4.21 -5.33
CA SER A 37 2.93 4.25 -6.47
C SER A 37 2.18 4.18 -7.80
N ALA A 38 1.17 3.31 -7.88
CA ALA A 38 0.34 3.14 -9.07
C ALA A 38 -0.46 4.39 -9.47
N ALA A 39 -1.03 5.08 -8.49
CA ALA A 39 -1.79 6.31 -8.78
C ALA A 39 -0.88 7.39 -9.38
N LEU A 40 0.30 7.57 -8.79
CA LEU A 40 1.25 8.58 -9.22
C LEU A 40 1.88 8.28 -10.60
N VAL A 41 2.18 7.00 -10.86
CA VAL A 41 2.71 6.59 -12.15
C VAL A 41 1.68 6.89 -13.24
N MET A 42 0.41 6.60 -12.92
CA MET A 42 -0.69 6.86 -13.82
C MET A 42 -0.86 8.36 -14.13
N LEU A 43 -0.76 9.19 -13.10
CA LEU A 43 -0.72 10.63 -13.26
C LEU A 43 0.44 11.05 -14.17
N SER A 44 1.60 10.39 -14.01
CA SER A 44 2.80 10.72 -14.77
C SER A 44 2.69 10.42 -16.26
N PHE A 45 1.82 9.48 -16.63
CA PHE A 45 1.62 9.13 -18.04
C PHE A 45 1.20 10.34 -18.84
N GLY A 46 0.47 11.25 -18.21
CA GLY A 46 -0.05 12.45 -18.87
C GLY A 46 0.79 13.69 -18.65
N ALA A 47 1.82 13.58 -17.83
CA ALA A 47 2.72 14.68 -17.50
C ALA A 47 3.89 14.79 -18.49
N CYS A 48 4.47 15.98 -18.61
CA CYS A 48 5.64 16.18 -19.45
C CYS A 48 6.78 16.84 -18.72
N CYS A 49 7.98 16.75 -19.29
CA CYS A 49 9.14 17.50 -18.84
C CYS A 49 9.34 17.35 -17.33
N SER A 50 9.67 18.43 -16.62
CA SER A 50 10.03 18.36 -15.20
C SER A 50 8.89 17.90 -14.28
N THR A 51 7.65 18.12 -14.71
CA THR A 51 6.48 17.65 -13.98
C THR A 51 6.47 16.11 -13.96
N GLN A 52 6.70 15.52 -15.12
CA GLN A 52 6.80 14.06 -15.26
C GLN A 52 8.02 13.49 -14.54
N THR A 53 9.19 14.06 -14.80
CA THR A 53 10.43 13.53 -14.20
C THR A 53 10.42 13.59 -12.67
N GLU A 54 9.86 14.64 -12.10
CA GLU A 54 9.73 14.78 -10.64
C GLU A 54 8.90 13.67 -10.03
N ILE A 55 7.84 13.27 -10.71
CA ILE A 55 6.96 12.23 -10.19
C ILE A 55 7.73 10.91 -10.10
N VAL A 56 8.37 10.49 -11.19
CA VAL A 56 9.08 9.20 -11.17
C VAL A 56 10.34 9.16 -10.30
N GLU A 57 11.04 10.29 -10.20
CA GLU A 57 12.21 10.36 -9.33
C GLU A 57 11.82 10.25 -7.85
N THR A 58 10.68 10.86 -7.49
CA THR A 58 10.09 10.76 -6.15
C THR A 58 9.70 9.32 -5.81
N LEU A 59 9.28 8.57 -6.84
CA LEU A 59 8.95 7.15 -6.73
C LEU A 59 10.19 6.26 -6.62
N GLY A 60 11.37 6.88 -6.72
CA GLY A 60 12.65 6.20 -6.50
C GLY A 60 13.47 5.93 -7.75
N PHE A 61 12.92 6.24 -8.93
CA PHE A 61 13.60 5.87 -10.16
C PHE A 61 14.67 6.87 -10.60
N ASN A 62 15.70 6.31 -11.22
CA ASN A 62 16.74 7.07 -11.89
C ASN A 62 16.59 6.88 -13.40
N LEU A 63 16.38 7.99 -14.10
CA LEU A 63 16.03 7.96 -15.53
C LEU A 63 17.23 7.69 -16.46
N THR A 64 18.42 7.59 -15.89
CA THR A 64 19.59 7.10 -16.62
C THR A 64 19.56 5.57 -16.58
N ASP A 65 19.25 5.02 -15.41
CA ASP A 65 19.17 3.58 -15.22
C ASP A 65 17.94 2.98 -15.89
N THR A 66 16.79 3.65 -15.74
CA THR A 66 15.53 3.16 -16.27
C THR A 66 14.79 4.31 -16.94
N PRO A 67 14.90 4.41 -18.28
CA PRO A 67 14.27 5.49 -19.04
C PRO A 67 12.76 5.56 -18.80
N MET A 68 12.21 6.75 -19.00
CA MET A 68 10.79 7.01 -18.72
C MET A 68 9.89 5.92 -19.28
N VAL A 69 10.15 5.54 -20.52
CA VAL A 69 9.36 4.55 -21.27
C VAL A 69 9.36 3.17 -20.61
N GLU A 70 10.54 2.73 -20.15
CA GLU A 70 10.71 1.47 -19.43
C GLU A 70 9.95 1.45 -18.08
N ILE A 71 9.97 2.59 -17.38
CA ILE A 71 9.20 2.71 -16.14
C ILE A 71 7.71 2.52 -16.43
N GLN A 72 7.22 3.19 -17.48
CA GLN A 72 5.82 3.08 -17.88
C GLN A 72 5.45 1.64 -18.21
N HIS A 73 6.24 1.00 -19.06
CA HIS A 73 6.00 -0.40 -19.45
C HIS A 73 6.09 -1.34 -18.25
N GLY A 74 7.06 -1.08 -17.37
CA GLY A 74 7.22 -1.82 -16.11
C GLY A 74 5.97 -1.81 -15.24
N PHE A 75 5.42 -0.63 -15.01
CA PHE A 75 4.21 -0.50 -14.19
C PHE A 75 2.98 -1.10 -14.84
N GLN A 76 2.90 -1.03 -16.17
CA GLN A 76 1.77 -1.63 -16.88
C GLN A 76 1.83 -3.15 -16.77
N HIS A 77 3.04 -3.70 -16.88
CA HIS A 77 3.28 -5.12 -16.70
C HIS A 77 2.94 -5.58 -15.26
N LEU A 78 3.37 -4.79 -14.28
CA LEU A 78 3.14 -5.08 -12.86
C LEU A 78 1.64 -5.24 -12.54
N ILE A 79 0.86 -4.24 -12.91
CA ILE A 79 -0.57 -4.20 -12.60
C ILE A 79 -1.30 -5.33 -13.32
N CYS A 80 -0.85 -5.65 -14.54
CA CYS A 80 -1.40 -6.78 -15.30
C CYS A 80 -1.13 -8.09 -14.57
N SER A 81 0.12 -8.28 -14.16
CA SER A 81 0.54 -9.48 -13.45
C SER A 81 -0.22 -9.65 -12.14
N LEU A 82 -0.35 -8.57 -11.38
CA LEU A 82 -1.01 -8.61 -10.07
C LEU A 82 -2.49 -9.01 -10.20
N ASN A 83 -3.09 -8.60 -11.32
CA ASN A 83 -4.51 -8.85 -11.59
C ASN A 83 -4.80 -10.20 -12.23
N PHE A 84 -3.76 -10.87 -12.70
CA PHE A 84 -3.90 -12.17 -13.36
C PHE A 84 -4.54 -13.20 -12.42
N PRO A 85 -5.61 -13.89 -12.89
CA PRO A 85 -6.36 -14.83 -12.06
C PRO A 85 -5.45 -15.85 -11.38
N LYS A 86 -5.62 -15.99 -10.07
CA LYS A 86 -4.82 -16.88 -9.26
C LYS A 86 -5.76 -17.69 -8.37
N LYS A 87 -5.70 -19.00 -8.48
CA LYS A 87 -6.56 -19.88 -7.69
C LYS A 87 -6.29 -19.70 -6.19
N GLU A 88 -7.38 -19.60 -5.43
CA GLU A 88 -7.36 -19.47 -3.96
C GLU A 88 -6.93 -18.09 -3.43
N LEU A 89 -6.79 -17.11 -4.32
CA LEU A 89 -6.37 -15.76 -3.96
C LEU A 89 -7.21 -14.68 -4.66
N GLU A 90 -7.79 -13.78 -3.88
CA GLU A 90 -8.42 -12.58 -4.41
C GLU A 90 -7.42 -11.44 -4.34
N LEU A 91 -6.97 -10.97 -5.50
CA LEU A 91 -6.17 -9.76 -5.61
C LEU A 91 -6.58 -9.02 -6.87
N GLN A 92 -7.15 -7.84 -6.67
CA GLN A 92 -7.43 -6.95 -7.78
C GLN A 92 -6.93 -5.55 -7.44
N ILE A 93 -6.29 -4.93 -8.43
CA ILE A 93 -5.85 -3.54 -8.33
C ILE A 93 -6.29 -2.88 -9.62
N GLY A 94 -7.10 -1.84 -9.48
CA GLY A 94 -7.60 -1.12 -10.65
C GLY A 94 -7.59 0.36 -10.36
N ASN A 95 -7.86 1.15 -11.40
CA ASN A 95 -7.94 2.60 -11.30
CA ASN A 95 -8.07 2.56 -11.16
C ASN A 95 -9.21 3.15 -11.98
N ALA A 96 -9.60 4.36 -11.60
CA ALA A 96 -10.75 5.02 -12.19
C ALA A 96 -10.44 6.50 -12.35
N LEU A 97 -10.80 7.03 -13.52
CA LEU A 97 -10.62 8.44 -13.80
C LEU A 97 -11.98 9.12 -13.85
N PHE A 98 -12.20 10.03 -12.92
CA PHE A 98 -13.43 10.81 -12.91
C PHE A 98 -13.16 12.17 -13.55
N ILE A 99 -13.59 12.31 -14.80
CA ILE A 99 -13.28 13.47 -15.62
C ILE A 99 -14.43 14.48 -15.63
N GLY A 100 -14.11 15.74 -15.35
CA GLY A 100 -15.12 16.81 -15.42
C GLY A 100 -15.80 16.90 -16.78
N LYS A 101 -17.10 17.18 -16.78
CA LYS A 101 -17.91 17.32 -18.00
C LYS A 101 -17.29 18.21 -19.08
N HIS A 102 -16.52 19.22 -18.67
CA HIS A 102 -16.01 20.24 -19.58
C HIS A 102 -14.51 20.12 -19.87
N LEU A 103 -13.88 19.10 -19.31
CA LEU A 103 -12.46 18.87 -19.58
C LEU A 103 -12.25 18.31 -20.98
N LYS A 104 -11.05 18.52 -21.52
CA LYS A 104 -10.76 18.08 -22.88
C LYS A 104 -9.64 17.03 -22.88
N PRO A 105 -9.91 15.83 -22.35
CA PRO A 105 -8.84 14.84 -22.22
C PRO A 105 -8.41 14.32 -23.58
N LEU A 106 -7.10 14.12 -23.74
CA LEU A 106 -6.57 13.61 -25.00
C LEU A 106 -6.99 12.15 -25.18
N ALA A 107 -7.61 11.86 -26.31
CA ALA A 107 -8.06 10.50 -26.63
C ALA A 107 -6.94 9.47 -26.51
N LYS A 108 -5.70 9.90 -26.76
CA LYS A 108 -4.52 9.06 -26.56
C LYS A 108 -4.36 8.65 -25.11
N PHE A 109 -4.38 9.63 -24.20
CA PHE A 109 -4.25 9.38 -22.78
C PHE A 109 -5.33 8.42 -22.31
N LEU A 110 -6.58 8.70 -22.71
CA LEU A 110 -7.73 7.90 -22.32
C LEU A 110 -7.66 6.46 -22.83
N ASN A 111 -7.36 6.30 -24.11
CA ASN A 111 -7.24 4.96 -24.69
C ASN A 111 -6.09 4.16 -24.08
N ASP A 112 -4.98 4.84 -23.81
CA ASP A 112 -3.82 4.25 -23.16
C ASP A 112 -4.13 3.69 -21.77
N VAL A 113 -4.62 4.54 -20.87
CA VAL A 113 -4.91 4.11 -19.50
C VAL A 113 -5.95 2.98 -19.43
N LYS A 114 -6.93 3.00 -20.32
CA LYS A 114 -7.98 1.97 -20.39
C LYS A 114 -7.45 0.63 -20.89
N THR A 115 -6.64 0.67 -21.94
CA THR A 115 -6.11 -0.55 -22.54
C THR A 115 -4.90 -1.08 -21.77
N LEU A 116 -4.09 -0.18 -21.23
CA LEU A 116 -2.78 -0.51 -20.66
C LEU A 116 -2.70 -0.45 -19.13
N TYR A 117 -3.68 0.17 -18.48
CA TYR A 117 -3.54 0.43 -17.04
C TYR A 117 -4.80 0.21 -16.20
N GLU A 118 -5.63 -0.73 -16.63
CA GLU A 118 -6.81 -1.16 -15.87
C GLU A 118 -7.64 0.03 -15.40
N THR A 119 -8.01 0.91 -16.33
CA THR A 119 -8.69 2.16 -15.99
C THR A 119 -10.10 2.23 -16.54
N GLU A 120 -11.04 2.48 -15.64
CA GLU A 120 -12.40 2.85 -16.00
C GLU A 120 -12.49 4.37 -16.00
N VAL A 121 -13.11 4.92 -17.04
CA VAL A 121 -13.23 6.36 -17.19
C VAL A 121 -14.69 6.76 -17.03
N PHE A 122 -14.93 7.76 -16.17
CA PHE A 122 -16.27 8.27 -15.92
C PHE A 122 -16.34 9.79 -16.10
N SER A 123 -17.27 10.23 -16.94
CA SER A 123 -17.57 11.65 -17.09
C SER A 123 -18.33 12.09 -15.85
N THR A 124 -17.77 13.09 -15.16
CA THR A 124 -18.29 13.50 -13.87
C THR A 124 -18.74 14.95 -13.85
N ASP A 125 -19.93 15.19 -13.32
CA ASP A 125 -20.43 16.53 -13.12
C ASP A 125 -19.99 17.03 -11.74
N PHE A 126 -18.84 17.71 -11.71
CA PHE A 126 -18.28 18.24 -10.48
C PHE A 126 -18.97 19.54 -10.01
N SER A 127 -19.93 20.03 -10.79
CA SER A 127 -20.74 21.19 -10.37
C SER A 127 -21.73 20.80 -9.25
N ASN A 128 -22.05 19.51 -9.15
CA ASN A 128 -22.71 18.93 -7.99
C ASN A 128 -21.62 18.18 -7.20
N ILE A 129 -20.81 18.94 -6.46
CA ILE A 129 -19.61 18.42 -5.80
C ILE A 129 -19.94 17.37 -4.74
N SER A 130 -21.13 17.51 -4.13
CA SER A 130 -21.63 16.57 -3.14
C SER A 130 -21.95 15.20 -3.75
N ALA A 131 -22.69 15.20 -4.86
CA ALA A 131 -23.03 13.96 -5.56
C ALA A 131 -21.80 13.30 -6.21
N ALA A 132 -20.85 14.11 -6.67
CA ALA A 132 -19.61 13.61 -7.25
C ALA A 132 -18.76 12.88 -6.19
N LYS A 133 -18.62 13.50 -5.02
CA LYS A 133 -17.89 12.90 -3.90
C LYS A 133 -18.52 11.56 -3.53
N GLN A 134 -19.86 11.53 -3.47
CA GLN A 134 -20.61 10.31 -3.17
C GLN A 134 -20.44 9.22 -4.23
N GLU A 135 -20.47 9.61 -5.50
CA GLU A 135 -20.23 8.69 -6.61
C GLU A 135 -18.86 8.02 -6.50
N ILE A 136 -17.83 8.82 -6.32
CA ILE A 136 -16.46 8.32 -6.21
C ILE A 136 -16.28 7.43 -4.99
N ASN A 137 -16.81 7.85 -3.84
CA ASN A 137 -16.71 7.04 -2.61
C ASN A 137 -17.37 5.67 -2.73
N SER A 138 -18.57 5.64 -3.31
CA SER A 138 -19.31 4.37 -3.43
C SER A 138 -18.69 3.44 -4.48
N HIS A 139 -18.02 4.01 -5.48
CA HIS A 139 -17.30 3.21 -6.46
C HIS A 139 -16.06 2.52 -5.83
N VAL A 140 -15.28 3.28 -5.07
CA VAL A 140 -14.15 2.75 -4.30
C VAL A 140 -14.62 1.71 -3.27
N GLU A 141 -15.73 2.01 -2.60
CA GLU A 141 -16.34 1.07 -1.66
C GLU A 141 -16.68 -0.26 -2.36
N MET A 142 -17.39 -0.19 -3.49
CA MET A 142 -17.74 -1.37 -4.29
C MET A 142 -16.52 -2.17 -4.75
N GLN A 143 -15.53 -1.47 -5.30
CA GLN A 143 -14.33 -2.11 -5.84
C GLN A 143 -13.46 -2.74 -4.76
N THR A 144 -13.57 -2.25 -3.53
CA THR A 144 -12.85 -2.83 -2.39
C THR A 144 -13.70 -3.80 -1.56
N LYS A 145 -14.76 -4.32 -2.19
CA LYS A 145 -15.68 -5.29 -1.55
C LYS A 145 -16.24 -4.76 -0.22
N GLY A 146 -16.56 -3.46 -0.21
CA GLY A 146 -17.13 -2.79 0.97
C GLY A 146 -16.14 -2.41 2.05
N LYS A 147 -14.85 -2.63 1.82
CA LYS A 147 -13.87 -2.49 2.89
C LYS A 147 -13.29 -1.08 3.08
N VAL A 148 -13.19 -0.32 1.99
CA VAL A 148 -12.74 1.07 2.07
C VAL A 148 -13.94 2.00 1.88
N VAL A 149 -14.44 2.49 3.01
CA VAL A 149 -15.59 3.38 3.07
C VAL A 149 -15.11 4.82 3.27
N GLY A 150 -15.74 5.74 2.54
CA GLY A 150 -15.55 7.17 2.75
C GLY A 150 -14.16 7.67 2.45
N LEU A 151 -13.55 7.15 1.38
CA LEU A 151 -12.19 7.53 1.01
C LEU A 151 -12.03 9.05 1.00
N ILE A 152 -12.92 9.73 0.27
CA ILE A 152 -12.91 11.19 0.18
C ILE A 152 -13.79 11.83 1.25
N GLN A 153 -13.15 12.53 2.17
CA GLN A 153 -13.86 13.28 3.19
C GLN A 153 -14.33 14.64 2.68
N ASP A 154 -13.44 15.40 2.06
CA ASP A 154 -13.81 16.69 1.46
C ASP A 154 -13.26 16.79 0.05
N LEU A 155 -14.12 17.25 -0.85
CA LEU A 155 -13.74 17.48 -2.24
C LEU A 155 -13.86 18.98 -2.56
N LYS A 156 -12.76 19.58 -2.99
CA LYS A 156 -12.76 21.00 -3.36
C LYS A 156 -13.83 21.31 -4.41
N PRO A 157 -14.57 22.43 -4.22
CA PRO A 157 -15.63 22.82 -5.15
C PRO A 157 -15.15 23.01 -6.59
N ASN A 158 -13.90 23.44 -6.76
CA ASN A 158 -13.31 23.63 -8.10
C ASN A 158 -12.67 22.37 -8.73
N THR A 159 -12.80 21.22 -8.07
CA THR A 159 -12.33 19.94 -8.61
C THR A 159 -12.86 19.73 -10.03
N ILE A 160 -11.97 19.38 -10.95
CA ILE A 160 -12.34 19.09 -12.33
C ILE A 160 -11.87 17.69 -12.78
N MET A 161 -11.09 17.03 -11.92
CA MET A 161 -10.65 15.66 -12.15
C MET A 161 -10.22 14.97 -10.86
N VAL A 162 -10.66 13.72 -10.71
CA VAL A 162 -10.16 12.84 -9.65
C VAL A 162 -9.64 11.54 -10.23
N LEU A 163 -8.43 11.16 -9.83
CA LEU A 163 -7.82 9.90 -10.22
C LEU A 163 -7.81 9.01 -8.97
N VAL A 164 -8.45 7.85 -9.06
CA VAL A 164 -8.48 6.93 -7.93
C VAL A 164 -7.88 5.58 -8.30
N ASN A 165 -7.03 5.04 -7.41
CA ASN A 165 -6.57 3.64 -7.47
C ASN A 165 -7.12 2.88 -6.27
N TYR A 166 -7.51 1.62 -6.50
CA TYR A 166 -8.05 0.75 -5.45
CA TYR A 166 -8.00 0.77 -5.43
C TYR A 166 -7.34 -0.60 -5.50
N ILE A 167 -7.11 -1.18 -4.32
CA ILE A 167 -6.56 -2.52 -4.20
C ILE A 167 -7.38 -3.31 -3.17
N HIS A 168 -7.74 -4.53 -3.53
CA HIS A 168 -8.36 -5.43 -2.57
C HIS A 168 -7.63 -6.78 -2.57
N PHE A 169 -7.34 -7.28 -1.38
CA PHE A 169 -6.60 -8.54 -1.18
C PHE A 169 -7.37 -9.42 -0.18
N LYS A 170 -7.63 -10.68 -0.56
CA LYS A 170 -8.20 -11.66 0.39
C LYS A 170 -7.57 -13.04 0.14
N ALA A 171 -6.99 -13.60 1.20
CA ALA A 171 -6.27 -14.86 1.11
C ALA A 171 -6.36 -15.68 2.39
N GLN A 172 -6.15 -16.98 2.26
CA GLN A 172 -6.21 -17.90 3.37
C GLN A 172 -4.80 -18.29 3.70
N TRP A 173 -4.49 -18.44 4.99
CA TRP A 173 -3.19 -18.95 5.44
C TRP A 173 -2.99 -20.33 4.87
N ALA A 174 -1.75 -20.62 4.44
CA ALA A 174 -1.39 -21.98 4.04
C ALA A 174 -1.68 -22.92 5.21
N ASN A 175 -1.38 -22.47 6.43
CA ASN A 175 -1.79 -23.18 7.64
C ASN A 175 -2.69 -22.33 8.55
N PRO A 176 -4.01 -22.42 8.36
CA PRO A 176 -4.96 -21.65 9.15
C PRO A 176 -4.86 -21.97 10.64
N PHE A 177 -5.26 -21.02 11.47
CA PHE A 177 -5.32 -21.25 12.92
C PHE A 177 -6.63 -21.94 13.29
N ASP A 178 -6.57 -22.79 14.31
CA ASP A 178 -7.77 -23.41 14.86
C ASP A 178 -8.34 -22.46 15.91
N PRO A 179 -9.55 -21.91 15.64
CA PRO A 179 -10.16 -20.93 16.54
C PRO A 179 -10.43 -21.48 17.93
N SER A 180 -10.49 -22.80 18.06
CA SER A 180 -10.66 -23.44 19.37
C SER A 180 -9.39 -23.31 20.23
N LYS A 181 -8.28 -22.90 19.60
CA LYS A 181 -7.03 -22.67 20.30
C LYS A 181 -6.71 -21.19 20.53
N THR A 182 -7.56 -20.30 20.00
CA THR A 182 -7.40 -18.86 20.19
C THR A 182 -7.74 -18.50 21.62
N GLU A 183 -6.81 -17.82 22.30
CA GLU A 183 -7.07 -17.34 23.66
C GLU A 183 -7.94 -16.09 23.53
N ASP A 184 -9.13 -16.12 24.16
CA ASP A 184 -10.12 -15.04 24.08
C ASP A 184 -9.54 -13.67 24.37
N SER A 185 -8.70 -13.60 25.41
CA SER A 185 -8.17 -12.35 25.91
C SER A 185 -6.73 -12.57 26.37
N SER A 186 -5.79 -12.00 25.61
CA SER A 186 -4.37 -12.09 25.95
C SER A 186 -3.75 -10.70 25.87
N SER A 187 -2.68 -10.47 26.62
CA SER A 187 -2.02 -9.15 26.66
C SER A 187 -1.16 -8.83 25.44
N PHE A 188 -1.33 -7.61 24.94
CA PHE A 188 -0.48 -7.06 23.90
C PHE A 188 0.10 -5.75 24.43
N LEU A 189 1.43 -5.67 24.46
CA LEU A 189 2.10 -4.48 24.99
C LEU A 189 2.06 -3.35 23.96
N ILE A 190 1.43 -2.23 24.33
CA ILE A 190 1.33 -1.07 23.44
C ILE A 190 2.35 0.04 23.76
N ASP A 191 2.80 0.08 25.02
CA ASP A 191 3.96 0.87 25.44
C ASP A 191 4.55 0.18 26.67
N LYS A 192 5.65 0.73 27.19
CA LYS A 192 6.36 0.19 28.35
C LYS A 192 5.47 -0.31 29.50
N THR A 193 4.47 0.49 29.89
CA THR A 193 3.66 0.17 31.07
C THR A 193 2.20 -0.18 30.76
N THR A 194 1.86 -0.33 29.48
CA THR A 194 0.45 -0.48 29.11
C THR A 194 0.21 -1.66 28.17
N THR A 195 -0.76 -2.49 28.53
CA THR A 195 -1.20 -3.57 27.67
C THR A 195 -2.63 -3.34 27.23
N VAL A 196 -2.99 -3.92 26.09
CA VAL A 196 -4.38 -4.04 25.70
C VAL A 196 -4.70 -5.54 25.59
N GLN A 197 -5.97 -5.89 25.64
CA GLN A 197 -6.38 -7.28 25.47
C GLN A 197 -6.83 -7.57 24.03
N VAL A 198 -6.32 -8.66 23.47
CA VAL A 198 -6.64 -9.10 22.10
C VAL A 198 -6.83 -10.59 22.09
N PRO A 199 -7.65 -11.12 21.15
CA PRO A 199 -7.63 -12.56 20.98
C PRO A 199 -6.28 -12.99 20.40
N MET A 200 -5.66 -14.01 20.99
CA MET A 200 -4.35 -14.47 20.53
C MET A 200 -4.48 -15.86 19.91
N MET A 201 -4.31 -15.94 18.60
CA MET A 201 -4.34 -17.22 17.91
C MET A 201 -3.04 -17.96 18.22
N HIS A 202 -3.12 -19.28 18.15
CA HIS A 202 -2.01 -20.11 18.58
C HIS A 202 -1.93 -21.37 17.74
N GLN A 203 -0.79 -21.59 17.11
CA GLN A 203 -0.49 -22.92 16.55
C GLN A 203 0.99 -23.26 16.58
N MET A 204 1.30 -24.55 16.54
CA MET A 204 2.68 -25.01 16.45
CA MET A 204 2.67 -25.01 16.45
C MET A 204 2.86 -25.68 15.09
N GLU A 205 3.69 -25.07 14.25
CA GLU A 205 3.89 -25.54 12.89
C GLU A 205 5.29 -25.18 12.45
N GLN A 206 5.69 -25.71 11.30
CA GLN A 206 6.95 -25.33 10.67
C GLN A 206 6.74 -24.04 9.90
N TYR A 207 7.55 -23.03 10.24
CA TYR A 207 7.52 -21.74 9.54
C TYR A 207 8.94 -21.32 9.21
N TYR A 208 9.10 -20.65 8.07
CA TYR A 208 10.36 -19.98 7.76
C TYR A 208 10.50 -18.83 8.74
N HIS A 209 11.66 -18.73 9.39
CA HIS A 209 11.90 -17.70 10.39
CA HIS A 209 11.90 -17.70 10.38
C HIS A 209 13.39 -17.47 10.60
N LEU A 210 13.73 -16.37 11.27
CA LEU A 210 15.10 -16.07 11.62
C LEU A 210 15.13 -15.06 12.74
N VAL A 211 16.30 -14.96 13.36
CA VAL A 211 16.63 -13.87 14.25
C VAL A 211 17.78 -13.13 13.57
N ASP A 212 17.53 -11.87 13.21
CA ASP A 212 18.54 -11.03 12.60
C ASP A 212 19.49 -10.60 13.73
N MET A 213 20.72 -11.11 13.68
CA MET A 213 21.70 -10.90 14.73
C MET A 213 22.21 -9.47 14.77
N GLU A 214 22.21 -8.81 13.62
CA GLU A 214 22.58 -7.39 13.51
C GLU A 214 21.48 -6.46 14.03
N LEU A 215 20.25 -6.72 13.63
CA LEU A 215 19.14 -5.82 13.93
C LEU A 215 18.39 -6.17 15.20
N ASN A 216 18.69 -7.33 15.79
CA ASN A 216 18.02 -7.85 16.98
C ASN A 216 16.50 -7.92 16.85
N CYS A 217 16.03 -8.35 15.69
CA CYS A 217 14.63 -8.60 15.48
C CYS A 217 14.41 -10.02 15.03
N THR A 218 13.20 -10.50 15.32
CA THR A 218 12.73 -11.80 14.88
C THR A 218 11.86 -11.58 13.66
N VAL A 219 12.12 -12.39 12.64
CA VAL A 219 11.38 -12.27 11.39
C VAL A 219 10.66 -13.58 11.18
N LEU A 220 9.38 -13.51 10.89
CA LEU A 220 8.55 -14.68 10.74
C LEU A 220 7.75 -14.56 9.44
N GLN A 221 7.87 -15.57 8.60
CA GLN A 221 7.14 -15.65 7.33
C GLN A 221 5.94 -16.57 7.51
N MET A 222 4.75 -16.07 7.14
CA MET A 222 3.55 -16.90 7.10
C MET A 222 2.96 -16.86 5.71
N ASP A 223 2.97 -18.01 5.05
CA ASP A 223 2.49 -18.12 3.68
C ASP A 223 0.98 -18.05 3.65
N TYR A 224 0.45 -17.45 2.59
CA TYR A 224 -0.95 -17.66 2.22
C TYR A 224 -0.96 -18.88 1.31
N SER A 225 -2.15 -19.43 1.05
CA SER A 225 -2.20 -20.69 0.34
C SER A 225 -1.59 -20.59 -1.06
N LYS A 226 -1.73 -19.45 -1.74
CA LYS A 226 -1.08 -19.26 -3.06
C LYS A 226 -0.52 -17.87 -3.37
N ASN A 227 0.66 -17.85 -3.97
CA ASN A 227 1.27 -16.65 -4.59
CA ASN A 227 1.26 -16.65 -4.58
C ASN A 227 1.53 -15.44 -3.66
N ALA A 228 1.32 -15.62 -2.35
CA ALA A 228 1.47 -14.52 -1.40
C ALA A 228 1.92 -14.99 -0.02
N LEU A 229 2.42 -14.04 0.77
CA LEU A 229 2.92 -14.31 2.13
C LEU A 229 2.83 -13.06 3.02
N ALA A 230 2.82 -13.28 4.33
CA ALA A 230 2.98 -12.22 5.31
C ALA A 230 4.35 -12.36 5.96
N LEU A 231 5.03 -11.22 6.17
CA LEU A 231 6.23 -11.14 6.98
C LEU A 231 5.95 -10.33 8.23
N PHE A 232 6.17 -10.95 9.39
CA PHE A 232 6.04 -10.27 10.67
C PHE A 232 7.44 -9.95 11.18
N VAL A 233 7.68 -8.69 11.49
CA VAL A 233 8.98 -8.27 11.99
C VAL A 233 8.81 -7.82 13.43
N LEU A 234 9.38 -8.58 14.36
CA LEU A 234 9.22 -8.31 15.80
C LEU A 234 10.54 -7.89 16.44
N PRO A 235 10.74 -6.58 16.62
CA PRO A 235 11.98 -6.11 17.23
C PRO A 235 12.03 -6.52 18.70
N LYS A 236 13.25 -6.71 19.21
CA LYS A 236 13.48 -6.78 20.64
C LYS A 236 12.95 -5.51 21.30
N GLU A 237 12.57 -5.62 22.57
CA GLU A 237 12.11 -4.49 23.39
C GLU A 237 13.00 -3.27 23.20
N GLY A 238 12.37 -2.13 22.92
CA GLY A 238 13.09 -0.88 22.66
C GLY A 238 13.79 -0.74 21.31
N GLN A 239 13.78 -1.78 20.47
CA GLN A 239 14.55 -1.75 19.21
C GLN A 239 13.77 -1.39 17.93
N MET A 240 12.51 -0.98 18.07
CA MET A 240 11.68 -0.67 16.90
C MET A 240 12.28 0.41 15.99
N GLU A 241 12.79 1.48 16.61
CA GLU A 241 13.35 2.62 15.86
C GLU A 241 14.52 2.17 14.97
N SER A 242 15.46 1.44 15.55
CA SER A 242 16.61 0.89 14.82
C SER A 242 16.21 -0.08 13.70
N VAL A 243 15.16 -0.86 13.92
CA VAL A 243 14.67 -1.77 12.87
C VAL A 243 14.06 -0.97 11.72
N GLU A 244 13.23 0.01 12.06
CA GLU A 244 12.62 0.91 11.08
C GLU A 244 13.67 1.63 10.23
N ALA A 245 14.75 2.09 10.85
CA ALA A 245 15.84 2.74 10.13
C ALA A 245 16.51 1.82 9.12
N ALA A 246 16.53 0.52 9.43
CA ALA A 246 17.21 -0.47 8.60
C ALA A 246 16.36 -1.09 7.47
N MET A 247 15.04 -0.88 7.49
CA MET A 247 14.16 -1.49 6.50
C MET A 247 14.46 -0.96 5.09
N SER A 248 14.72 -1.89 4.18
CA SER A 248 15.13 -1.58 2.81
C SER A 248 15.03 -2.83 1.95
N SER A 249 15.22 -2.66 0.63
CA SER A 249 15.26 -3.80 -0.29
CA SER A 249 15.26 -3.80 -0.29
C SER A 249 16.44 -4.72 0.03
N LYS A 250 17.56 -4.11 0.42
CA LYS A 250 18.77 -4.84 0.80
C LYS A 250 18.49 -5.74 2.01
N THR A 251 17.80 -5.18 2.99
CA THR A 251 17.40 -5.95 4.18
C THR A 251 16.47 -7.12 3.84
N LEU A 252 15.50 -6.91 2.95
CA LEU A 252 14.62 -8.02 2.51
C LEU A 252 15.36 -9.14 1.78
N LYS A 253 16.30 -8.74 0.93
CA LYS A 253 17.16 -9.68 0.21
C LYS A 253 18.04 -10.49 1.16
N LYS A 254 18.59 -9.82 2.18
CA LYS A 254 19.30 -10.50 3.26
C LYS A 254 18.40 -11.55 3.92
N TRP A 255 17.20 -11.14 4.33
CA TRP A 255 16.31 -12.07 5.02
C TRP A 255 15.93 -13.24 4.13
N ASN A 256 15.76 -13.00 2.83
CA ASN A 256 15.31 -14.03 1.89
C ASN A 256 16.27 -15.23 1.88
N ARG A 257 17.56 -14.92 1.96
CA ARG A 257 18.60 -15.94 2.03
C ARG A 257 18.62 -16.64 3.39
N LEU A 258 18.36 -15.88 4.47
CA LEU A 258 18.58 -16.36 5.83
C LEU A 258 17.42 -17.13 6.44
N LEU A 259 16.20 -16.86 5.96
CA LEU A 259 15.00 -17.51 6.53
C LEU A 259 15.09 -19.02 6.42
N GLN A 260 14.91 -19.72 7.54
CA GLN A 260 14.93 -21.18 7.55
C GLN A 260 13.66 -21.75 8.17
N LYS A 261 13.11 -22.78 7.52
CA LYS A 261 11.87 -23.39 7.97
C LYS A 261 12.17 -24.37 9.09
N GLY A 262 11.51 -24.17 10.23
CA GLY A 262 11.59 -25.10 11.36
C GLY A 262 10.38 -24.93 12.25
N TRP A 263 10.23 -25.82 13.23
CA TRP A 263 9.09 -25.77 14.18
C TRP A 263 9.09 -24.49 15.03
N VAL A 264 7.90 -23.88 15.11
CA VAL A 264 7.69 -22.68 15.90
C VAL A 264 6.37 -22.83 16.66
N ASP A 265 6.42 -22.56 17.97
CA ASP A 265 5.24 -22.41 18.80
C ASP A 265 4.82 -20.93 18.68
N LEU A 266 3.77 -20.67 17.88
CA LEU A 266 3.49 -19.32 17.41
C LEU A 266 2.18 -18.75 17.94
N PHE A 267 2.25 -17.50 18.42
CA PHE A 267 1.07 -16.77 18.90
C PHE A 267 0.96 -15.49 18.09
N VAL A 268 -0.16 -15.35 17.36
CA VAL A 268 -0.42 -14.17 16.51
C VAL A 268 -1.77 -13.55 16.90
N PRO A 269 -1.82 -12.20 17.07
CA PRO A 269 -3.11 -11.60 17.41
C PRO A 269 -4.13 -11.61 16.26
N LYS A 270 -5.40 -11.78 16.64
CA LYS A 270 -6.53 -11.57 15.74
C LYS A 270 -7.00 -10.13 15.96
N PHE A 271 -7.03 -9.33 14.89
CA PHE A 271 -7.28 -7.90 15.00
C PHE A 271 -7.64 -7.25 13.65
N SER A 272 -8.20 -6.04 13.74
CA SER A 272 -8.45 -5.17 12.58
C SER A 272 -7.93 -3.78 12.87
N ILE A 273 -7.23 -3.19 11.91
CA ILE A 273 -6.86 -1.77 11.99
C ILE A 273 -7.15 -1.03 10.68
N SER A 274 -7.23 0.30 10.78
CA SER A 274 -7.34 1.17 9.61
C SER A 274 -6.46 2.39 9.81
N ALA A 275 -6.10 3.01 8.69
CA ALA A 275 -5.29 4.21 8.70
C ALA A 275 -5.60 5.09 7.50
N THR A 276 -5.57 6.41 7.72
CA THR A 276 -5.77 7.39 6.66
C THR A 276 -4.59 8.36 6.63
N TYR A 277 -4.25 8.84 5.44
CA TYR A 277 -3.12 9.74 5.21
C TYR A 277 -3.52 10.88 4.26
N ASP A 278 -3.33 12.12 4.70
CA ASP A 278 -3.40 13.28 3.83
C ASP A 278 -2.02 13.38 3.19
N LEU A 279 -1.94 13.21 1.87
CA LEU A 279 -0.64 13.09 1.20
C LEU A 279 -0.14 14.30 0.39
N GLY A 280 -0.99 15.30 0.22
CA GLY A 280 -0.65 16.51 -0.53
C GLY A 280 0.71 17.09 -0.16
N ALA A 281 0.89 17.42 1.11
CA ALA A 281 2.10 18.08 1.60
C ALA A 281 3.31 17.14 1.61
N THR A 282 3.07 15.87 1.94
CA THR A 282 4.12 14.86 1.99
C THR A 282 4.77 14.63 0.62
N LEU A 283 3.92 14.49 -0.41
CA LEU A 283 4.39 14.31 -1.78
C LEU A 283 5.17 15.51 -2.30
N LEU A 284 4.73 16.71 -1.90
CA LEU A 284 5.47 17.95 -2.20
C LEU A 284 6.86 17.92 -1.57
N LYS A 285 6.91 17.61 -0.27
CA LYS A 285 8.17 17.49 0.47
C LYS A 285 9.11 16.47 -0.15
N MET A 286 8.55 15.36 -0.62
CA MET A 286 9.32 14.28 -1.21
C MET A 286 9.87 14.62 -2.61
N GLY A 287 9.36 15.69 -3.22
CA GLY A 287 9.92 16.19 -4.48
C GLY A 287 8.94 16.39 -5.63
N ILE A 288 7.66 16.13 -5.38
CA ILE A 288 6.62 16.43 -6.38
C ILE A 288 6.15 17.89 -6.26
N GLN A 289 6.70 18.76 -7.12
CA GLN A 289 6.57 20.20 -6.96
C GLN A 289 5.79 20.88 -8.10
N HIS A 290 6.28 20.71 -9.31
CA HIS A 290 5.66 21.32 -10.49
C HIS A 290 4.24 20.85 -10.77
N ALA A 291 3.89 19.64 -10.36
CA ALA A 291 2.51 19.12 -10.51
C ALA A 291 1.48 19.98 -9.79
N TYR A 292 1.91 20.63 -8.70
CA TYR A 292 1.07 21.52 -7.88
C TYR A 292 1.06 22.97 -8.34
N SER A 293 2.03 23.35 -9.18
CA SER A 293 2.23 24.76 -9.52
C SER A 293 1.33 25.24 -10.66
N GLU A 294 1.25 26.56 -10.82
CA GLU A 294 0.54 27.16 -11.96
C GLU A 294 1.18 26.81 -13.30
N ASN A 295 2.44 26.37 -13.27
CA ASN A 295 3.15 25.96 -14.48
C ASN A 295 3.25 24.44 -14.65
N ALA A 296 2.32 23.72 -14.00
CA ALA A 296 2.21 22.28 -14.11
C ALA A 296 2.10 21.86 -15.57
N ASP A 297 2.88 20.84 -15.95
CA ASP A 297 2.91 20.40 -17.33
C ASP A 297 2.29 19.00 -17.44
N PHE A 298 0.98 18.99 -17.65
CA PHE A 298 0.24 17.78 -17.98
C PHE A 298 -0.30 17.91 -19.41
N SER A 299 0.60 18.25 -20.34
CA SER A 299 0.29 18.39 -21.76
C SER A 299 -0.10 17.07 -22.45
N GLY A 300 0.19 15.94 -21.81
CA GLY A 300 -0.15 14.64 -22.35
C GLY A 300 -1.51 14.14 -21.90
N LEU A 301 -2.22 14.98 -21.14
CA LEU A 301 -3.45 14.55 -20.46
C LEU A 301 -4.68 15.22 -21.08
N THR A 302 -4.62 16.55 -21.22
CA THR A 302 -5.70 17.33 -21.83
C THR A 302 -5.19 18.24 -22.94
N GLU A 303 -6.10 18.62 -23.84
CA GLU A 303 -5.81 19.48 -24.98
C GLU A 303 -5.15 20.80 -24.58
N ASP A 304 -5.64 21.39 -23.50
CA ASP A 304 -5.27 22.76 -23.13
C ASP A 304 -4.42 22.83 -21.87
N ASN A 305 -3.89 21.69 -21.43
CA ASN A 305 -3.08 21.64 -20.23
C ASN A 305 -3.80 22.42 -19.11
N GLY A 306 -5.05 22.03 -18.87
CA GLY A 306 -5.97 22.83 -18.07
C GLY A 306 -6.13 22.48 -16.61
N LEU A 307 -5.18 21.72 -16.06
CA LEU A 307 -5.27 21.34 -14.66
C LEU A 307 -3.92 21.24 -13.94
N LYS A 308 -4.00 21.24 -12.61
CA LYS A 308 -2.87 20.98 -11.73
C LYS A 308 -3.35 20.16 -10.55
N LEU A 309 -2.44 19.35 -9.99
CA LEU A 309 -2.71 18.61 -8.77
C LEU A 309 -2.91 19.57 -7.60
N SER A 310 -3.90 19.28 -6.75
CA SER A 310 -4.17 20.07 -5.56
C SER A 310 -4.13 19.25 -4.27
N ASN A 311 -4.75 18.08 -4.28
CA ASN A 311 -4.85 17.23 -3.09
C ASN A 311 -4.57 15.76 -3.40
N ALA A 312 -4.15 15.03 -2.36
CA ALA A 312 -3.91 13.59 -2.44
C ALA A 312 -4.16 12.95 -1.07
N ALA A 313 -4.77 11.77 -1.07
CA ALA A 313 -5.04 11.06 0.19
C ALA A 313 -5.14 9.54 -0.01
N HIS A 314 -4.90 8.81 1.08
CA HIS A 314 -4.87 7.36 1.04
C HIS A 314 -5.59 6.80 2.25
N LYS A 315 -6.32 5.70 2.06
CA LYS A 315 -6.93 4.96 3.16
C LYS A 315 -6.65 3.48 2.95
N ALA A 316 -6.32 2.78 4.04
CA ALA A 316 -6.06 1.35 3.99
C ALA A 316 -6.61 0.68 5.24
N VAL A 317 -7.05 -0.56 5.07
CA VAL A 317 -7.65 -1.35 6.14
C VAL A 317 -7.07 -2.76 6.16
N LEU A 318 -7.02 -3.36 7.35
CA LEU A 318 -6.45 -4.70 7.50
C LEU A 318 -7.28 -5.49 8.49
N HIS A 319 -7.59 -6.74 8.13
CA HIS A 319 -8.02 -7.73 9.11
C HIS A 319 -7.24 -9.04 9.05
N ILE A 320 -6.83 -9.51 10.22
CA ILE A 320 -6.15 -10.79 10.37
C ILE A 320 -6.92 -11.67 11.35
N GLY A 321 -7.22 -12.89 10.92
CA GLY A 321 -7.94 -13.84 11.75
C GLY A 321 -7.42 -15.25 11.54
N GLU A 322 -8.18 -16.24 12.01
CA GLU A 322 -7.77 -17.64 11.96
C GLU A 322 -7.70 -18.16 10.53
N LYS A 323 -8.58 -17.68 9.67
CA LYS A 323 -8.66 -18.19 8.31
C LYS A 323 -7.60 -17.61 7.38
N GLY A 324 -7.23 -16.36 7.60
CA GLY A 324 -6.33 -15.64 6.69
C GLY A 324 -6.24 -14.15 6.94
N THR A 325 -6.25 -13.38 5.85
CA THR A 325 -6.10 -11.92 5.89
C THR A 325 -6.99 -11.28 4.82
N GLU A 326 -7.67 -10.19 5.16
CA GLU A 326 -8.29 -9.34 4.15
C GLU A 326 -7.76 -7.92 4.34
N ALA A 327 -7.24 -7.35 3.25
CA ALA A 327 -6.71 -6.01 3.27
C ALA A 327 -7.18 -5.25 2.05
N ALA A 328 -7.42 -3.95 2.21
CA ALA A 328 -7.80 -3.11 1.08
C ALA A 328 -7.23 -1.70 1.23
N GLY A 329 -7.13 -1.01 0.11
CA GLY A 329 -6.60 0.35 0.12
C GLY A 329 -7.08 1.12 -1.09
N ALA A 330 -7.05 2.45 -0.98
CA ALA A 330 -7.38 3.32 -2.11
C ALA A 330 -6.60 4.62 -2.04
N MET A 331 -6.27 5.14 -3.22
CA MET A 331 -5.51 6.35 -3.31
C MET A 331 -6.25 7.29 -4.24
N PHE A 332 -6.36 8.55 -3.85
CA PHE A 332 -6.92 9.53 -4.77
C PHE A 332 -6.06 10.77 -4.92
N LEU A 333 -6.05 11.29 -6.14
CA LEU A 333 -5.36 12.51 -6.50
C LEU A 333 -6.43 13.42 -7.10
N GLU A 334 -6.47 14.65 -6.61
CA GLU A 334 -7.52 15.60 -6.97
C GLU A 334 -6.89 16.72 -7.78
N ALA A 335 -7.54 17.08 -8.88
CA ALA A 335 -7.05 18.15 -9.75
C ALA A 335 -8.06 19.28 -9.89
N ILE A 336 -7.54 20.51 -9.96
CA ILE A 336 -8.31 21.75 -10.05
C ILE A 336 -7.77 22.55 -11.27
N PRO A 337 -8.51 23.58 -11.75
CA PRO A 337 -8.01 24.38 -12.88
C PRO A 337 -6.63 24.98 -12.60
N ARG A 338 -5.78 24.96 -13.62
CA ARG A 338 -4.38 25.33 -13.47
C ARG A 338 -4.20 26.83 -13.29
N HIS B 7 10.88 -26.41 20.95
CA HIS B 7 10.84 -25.54 19.75
C HIS B 7 10.83 -24.08 20.19
N PRO B 8 11.42 -23.19 19.38
CA PRO B 8 11.36 -21.77 19.72
C PRO B 8 9.91 -21.27 19.79
N ILE B 9 9.66 -20.38 20.75
CA ILE B 9 8.35 -19.73 20.87
C ILE B 9 8.46 -18.36 20.22
N ILE B 10 7.51 -18.03 19.35
CA ILE B 10 7.38 -16.67 18.85
C ILE B 10 6.02 -16.09 19.26
N GLN B 11 6.07 -15.06 20.10
CA GLN B 11 4.84 -14.43 20.58
C GLN B 11 4.74 -13.01 20.05
N ILE B 12 3.79 -12.80 19.14
CA ILE B 12 3.54 -11.48 18.58
CA ILE B 12 3.55 -11.48 18.59
C ILE B 12 2.64 -10.71 19.55
N ASP B 13 3.26 -10.17 20.60
CA ASP B 13 2.54 -9.59 21.71
C ASP B 13 3.06 -8.22 22.11
N ARG B 14 3.70 -7.57 21.15
CA ARG B 14 4.17 -6.19 21.28
C ARG B 14 4.35 -5.65 19.87
N SER B 15 4.65 -4.36 19.76
CA SER B 15 4.78 -3.67 18.48
C SER B 15 5.55 -4.47 17.45
N PHE B 16 4.97 -4.61 16.27
CA PHE B 16 5.59 -5.33 15.18
C PHE B 16 5.33 -4.61 13.85
N MET B 17 6.20 -4.84 12.88
CA MET B 17 5.93 -4.43 11.50
C MET B 17 5.38 -5.63 10.73
N LEU B 18 4.62 -5.32 9.68
CA LEU B 18 3.99 -6.33 8.84
C LEU B 18 4.12 -5.95 7.37
N LEU B 19 4.50 -6.92 6.54
CA LEU B 19 4.45 -6.78 5.09
C LEU B 19 3.53 -7.84 4.53
N ILE B 20 2.72 -7.48 3.54
CA ILE B 20 2.01 -8.45 2.72
C ILE B 20 2.65 -8.39 1.33
N LEU B 21 3.21 -9.51 0.88
CA LEU B 21 4.02 -9.56 -0.33
C LEU B 21 3.36 -10.44 -1.38
N GLU B 22 3.39 -10.01 -2.64
CA GLU B 22 2.99 -10.91 -3.73
C GLU B 22 4.26 -11.51 -4.31
N ARG B 23 4.26 -12.82 -4.47
CA ARG B 23 5.50 -13.56 -4.74
C ARG B 23 6.10 -13.32 -6.13
N SER B 24 5.28 -13.44 -7.17
CA SER B 24 5.81 -13.44 -8.55
C SER B 24 6.43 -12.10 -8.96
N THR B 25 5.82 -10.99 -8.55
CA THR B 25 6.32 -9.66 -8.88
C THR B 25 7.22 -9.08 -7.78
N ARG B 26 7.25 -9.75 -6.63
CA ARG B 26 7.97 -9.27 -5.44
C ARG B 26 7.46 -7.90 -4.99
N SER B 27 6.14 -7.71 -5.04
CA SER B 27 5.54 -6.42 -4.69
C SER B 27 5.14 -6.39 -3.21
N ILE B 28 5.37 -5.25 -2.56
CA ILE B 28 4.83 -5.01 -1.24
C ILE B 28 3.44 -4.45 -1.45
N LEU B 29 2.44 -5.33 -1.28
CA LEU B 29 1.04 -4.93 -1.41
C LEU B 29 0.59 -4.02 -0.29
N PHE B 30 1.01 -4.37 0.93
CA PHE B 30 0.69 -3.60 2.11
C PHE B 30 1.89 -3.61 3.06
N LEU B 31 2.03 -2.52 3.81
CA LEU B 31 3.13 -2.30 4.75
C LEU B 31 2.55 -1.57 5.95
N GLY B 32 2.90 -2.04 7.14
CA GLY B 32 2.47 -1.34 8.33
C GLY B 32 3.24 -1.63 9.59
N LYS B 33 2.83 -0.95 10.65
CA LYS B 33 3.32 -1.20 12.00
C LYS B 33 2.12 -1.20 12.93
N VAL B 34 2.01 -2.26 13.70
CA VAL B 34 0.90 -2.37 14.62
C VAL B 34 1.45 -2.08 16.01
N VAL B 35 0.98 -0.98 16.59
CA VAL B 35 1.38 -0.55 17.93
C VAL B 35 0.25 -0.91 18.91
N ASN B 36 -0.98 -0.66 18.48
CA ASN B 36 -2.15 -0.97 19.29
C ASN B 36 -3.22 -1.61 18.41
N PRO B 37 -3.31 -2.94 18.44
CA PRO B 37 -4.20 -3.66 17.54
C PRO B 37 -5.69 -3.49 17.88
N THR B 38 -6.00 -2.76 18.95
CA THR B 38 -7.40 -2.51 19.37
C THR B 38 -7.86 -1.09 19.08
N GLU B 39 -6.98 -0.27 18.50
CA GLU B 39 -7.33 1.12 18.20
C GLU B 39 -8.33 1.22 17.06
N ALA B 40 -9.44 1.90 17.32
CA ALA B 40 -10.48 2.14 16.33
C ALA B 40 -9.97 3.12 15.27
C1 T44 C . 9.81 -14.82 0.39
C2 T44 C . 9.15 -14.19 -0.69
C3 T44 C . 9.32 -12.83 -0.92
C4 T44 C . 10.17 -12.03 -0.03
C5 T44 C . 10.81 -12.72 1.11
C6 T44 C . 10.62 -14.09 1.27
C7 T44 C . 9.61 -16.31 0.58
CA T44 C . 10.49 -17.14 -0.37
C T44 C . 10.27 -16.91 -1.85
C1' T44 C . 11.28 -10.19 -1.08
C2' T44 C . 12.35 -10.98 -1.51
C3' T44 C . 13.32 -10.46 -2.36
C4' T44 C . 13.25 -9.06 -2.82
C5' T44 C . 12.11 -8.28 -2.34
C6' T44 C . 11.16 -8.86 -1.49
N T44 C . 11.90 -16.89 -0.11
O4 T44 C . 10.32 -10.70 -0.25
O4' T44 C . 14.20 -8.52 -3.64
O T44 C . 11.23 -16.55 -2.56
OXT T44 C . 9.13 -17.07 -2.31
I3 T44 C . 8.40 -11.81 -2.49
I3' T44 C . 14.92 -11.58 -3.05
I5 T44 C . 12.03 -11.57 2.35
I5' T44 C . 12.00 -6.29 -2.99
#